data_1YT8
#
_entry.id   1YT8
#
_cell.length_a   88.348
_cell.length_b   114.476
_cell.length_c   69.438
_cell.angle_alpha   90.00
_cell.angle_beta   90.00
_cell.angle_gamma   90.00
#
_symmetry.space_group_name_H-M   'P 21 21 2'
#
loop_
_entity.id
_entity.type
_entity.pdbx_description
1 polymer 'thiosulfate sulfurtransferase'
2 non-polymer 'SULFITE ION'
3 non-polymer GLYCEROL
4 water water
#
_entity_poly.entity_id   1
_entity_poly.type   'polypeptide(L)'
_entity_poly.pdbx_seq_one_letter_code
;(MSE)SLSQIAVRTFHDIRAALLARRELALLDVREEDPFAQAHPLFAANLPLSRLELEIHARVPRRDTPITVYDDGEGLA
PVAAQRLHDLGYSDVALLDGGLSGWRNAGGELFRDVNVPSKAFGELVEAERHTPSLAAEEVQALLDARAEAVILDARRFD
EYQT(MSE)SIPGGISVPGAELVLRVAELAPDPRTRVIVNCAGRTRSIIGTQSLLNAGIPNPVAALRNGTIGWTLAGQQL
EHGQTRRFGAISQDTRKAAAQRARAVADRAGVERLDLAGLAQWQDEHDRTTYLLDVRTPEEYEAGHLPGSRSTPGGQLVQ
ETDHVASVRGARLVLVDDDGVRAN(MSE)SASWLAQ(MSE)GWQVAVLDGLSEADFSERGAWSAPLPRQPRADTIDPTTL
ADWLGEPGTRVLDFTASANYAKRHIPGAAWVLRSQLKQALERLGTAERYVLTCGSSLLARFAVAEVQALSGKPVFLLDGG
TSAWVAAGLPTEDGESLLASPRIDRYRRPYEGTDNPREA(MSE)QGYLDWEFGLVEQLGRDGTHGFFVIEGGSHHHHHH
;
_entity_poly.pdbx_strand_id   A
#
loop_
_chem_comp.id
_chem_comp.type
_chem_comp.name
_chem_comp.formula
GOL non-polymer GLYCEROL 'C3 H8 O3'
SO3 non-polymer 'SULFITE ION' 'O3 S -2'
#
# COMPACT_ATOMS: atom_id res chain seq x y z
N ILE A 6 26.85 -6.06 10.64
CA ILE A 6 26.09 -4.93 9.94
C ILE A 6 27.07 -4.02 9.18
N ALA A 7 26.99 -4.04 7.86
CA ALA A 7 27.89 -3.22 7.03
C ALA A 7 27.26 -1.85 6.80
N VAL A 8 27.94 -1.09 5.95
CA VAL A 8 27.55 0.25 5.55
C VAL A 8 27.54 0.33 4.02
N ARG A 9 26.46 0.88 3.49
CA ARG A 9 26.29 1.09 2.07
C ARG A 9 25.96 2.56 1.83
N THR A 10 26.52 3.11 0.76
CA THR A 10 26.32 4.52 0.43
C THR A 10 25.31 4.75 -0.68
N PHE A 11 25.04 6.03 -0.90
CA PHE A 11 24.13 6.47 -1.96
C PHE A 11 24.64 5.85 -3.27
N HIS A 12 25.95 5.92 -3.47
CA HIS A 12 26.56 5.38 -4.68
C HIS A 12 26.37 3.87 -4.85
N ASP A 13 26.42 3.14 -3.73
CA ASP A 13 26.23 1.68 -3.78
C ASP A 13 24.81 1.39 -4.25
N ILE A 14 23.85 2.11 -3.67
CA ILE A 14 22.44 1.92 -4.01
C ILE A 14 22.18 2.33 -5.46
N ARG A 15 22.71 3.49 -5.88
CA ARG A 15 22.51 3.97 -7.23
C ARG A 15 23.08 2.98 -8.25
N ALA A 16 24.24 2.42 -7.94
CA ALA A 16 24.86 1.46 -8.83
C ALA A 16 23.96 0.23 -8.98
N ALA A 17 23.42 -0.25 -7.87
CA ALA A 17 22.55 -1.42 -7.92
C ALA A 17 21.26 -1.13 -8.69
N LEU A 18 20.69 0.06 -8.50
CA LEU A 18 19.46 0.43 -9.21
C LEU A 18 19.68 0.49 -10.71
N LEU A 19 20.82 1.03 -11.14
CA LEU A 19 21.14 1.14 -12.56
C LEU A 19 21.38 -0.24 -13.18
N ALA A 20 22.00 -1.14 -12.42
CA ALA A 20 22.28 -2.49 -12.87
C ALA A 20 21.05 -3.38 -12.71
N ARG A 21 20.07 -2.85 -11.98
CA ARG A 21 18.83 -3.56 -11.71
C ARG A 21 19.03 -4.83 -10.87
N ARG A 22 19.95 -4.75 -9.92
CA ARG A 22 20.22 -5.86 -9.02
C ARG A 22 19.23 -5.71 -7.86
N GLU A 23 18.72 -6.83 -7.35
CA GLU A 23 17.76 -6.78 -6.24
C GLU A 23 18.31 -6.06 -5.02
N LEU A 24 17.47 -5.24 -4.41
CA LEU A 24 17.84 -4.50 -3.21
C LEU A 24 16.58 -4.05 -2.50
N ALA A 25 16.71 -3.86 -1.19
CA ALA A 25 15.61 -3.38 -0.37
C ALA A 25 16.14 -2.21 0.42
N LEU A 26 15.68 -1.00 0.08
CA LEU A 26 16.09 0.23 0.78
C LEU A 26 14.92 0.55 1.69
N LEU A 27 15.09 0.30 2.99
CA LEU A 27 14.01 0.51 3.95
C LEU A 27 14.15 1.70 4.88
N ASP A 28 13.13 2.57 4.86
CA ASP A 28 13.08 3.73 5.74
C ASP A 28 12.34 3.18 6.96
N VAL A 29 13.03 3.08 8.10
CA VAL A 29 12.40 2.52 9.29
C VAL A 29 11.71 3.51 10.22
N ARG A 30 11.64 4.78 9.80
CA ARG A 30 10.94 5.79 10.60
C ARG A 30 9.44 5.55 10.45
N GLU A 31 8.63 6.27 11.22
CA GLU A 31 7.18 6.15 11.10
C GLU A 31 6.77 6.75 9.75
N GLU A 32 5.55 6.49 9.33
CA GLU A 32 5.09 6.97 8.03
C GLU A 32 5.07 8.49 7.82
N ASP A 33 4.65 9.26 8.82
CA ASP A 33 4.62 10.71 8.61
C ASP A 33 6.00 11.29 8.30
N PRO A 34 7.04 10.93 9.09
CA PRO A 34 8.34 11.51 8.74
C PRO A 34 8.84 10.98 7.39
N PHE A 35 8.53 9.72 7.08
CA PHE A 35 8.91 9.12 5.81
C PHE A 35 8.31 9.95 4.68
N ALA A 36 7.04 10.29 4.83
CA ALA A 36 6.32 11.07 3.83
C ALA A 36 6.85 12.48 3.59
N GLN A 37 7.74 12.97 4.46
CA GLN A 37 8.28 14.32 4.27
C GLN A 37 9.49 14.33 3.35
N ALA A 38 10.22 13.21 3.30
CA ALA A 38 11.40 13.10 2.46
C ALA A 38 12.00 11.70 2.44
N HIS A 39 12.18 11.15 1.24
CA HIS A 39 12.76 9.82 1.10
C HIS A 39 13.18 9.56 -0.33
N PRO A 40 14.16 8.66 -0.53
CA PRO A 40 14.63 8.35 -1.88
C PRO A 40 13.47 7.73 -2.67
N LEU A 41 13.49 7.90 -3.98
CA LEU A 41 12.44 7.38 -4.85
C LEU A 41 12.02 5.93 -4.60
N PHE A 42 12.98 5.03 -4.51
CA PHE A 42 12.67 3.62 -4.31
C PHE A 42 12.79 3.09 -2.89
N ALA A 43 12.83 4.01 -1.93
CA ALA A 43 12.89 3.62 -0.53
C ALA A 43 11.48 3.17 -0.14
N ALA A 44 11.39 2.00 0.48
CA ALA A 44 10.11 1.47 0.93
C ALA A 44 10.02 1.77 2.41
N ASN A 45 8.83 2.13 2.88
CA ASN A 45 8.68 2.44 4.30
C ASN A 45 8.23 1.23 5.10
N LEU A 46 9.08 0.79 6.03
CA LEU A 46 8.73 -0.32 6.90
C LEU A 46 9.16 0.11 8.29
N PRO A 47 8.28 0.84 8.99
CA PRO A 47 8.53 1.33 10.34
C PRO A 47 9.06 0.27 11.29
N LEU A 48 10.11 0.62 12.02
CA LEU A 48 10.69 -0.30 12.99
C LEU A 48 9.56 -0.88 13.84
N SER A 49 8.56 -0.04 14.13
CA SER A 49 7.41 -0.46 14.94
C SER A 49 6.71 -1.73 14.48
N ARG A 50 6.68 -1.97 13.17
CA ARG A 50 6.02 -3.17 12.64
C ARG A 50 6.91 -4.00 11.71
N LEU A 51 8.22 -3.83 11.85
CA LEU A 51 9.21 -4.54 11.04
C LEU A 51 8.98 -6.05 10.97
N GLU A 52 8.86 -6.70 12.13
CA GLU A 52 8.66 -8.14 12.17
C GLU A 52 7.36 -8.66 11.54
N LEU A 53 6.35 -7.82 11.50
CA LEU A 53 5.06 -8.22 10.94
C LEU A 53 5.00 -8.25 9.42
N GLU A 54 5.90 -7.54 8.76
CA GLU A 54 5.86 -7.48 7.30
C GLU A 54 7.13 -7.86 6.54
N ILE A 55 8.26 -7.90 7.23
CA ILE A 55 9.52 -8.20 6.57
C ILE A 55 9.57 -9.50 5.75
N HIS A 56 9.03 -10.58 6.28
CA HIS A 56 9.07 -11.84 5.56
C HIS A 56 8.23 -11.85 4.28
N ALA A 57 7.26 -10.95 4.20
CA ALA A 57 6.42 -10.86 3.01
C ALA A 57 6.99 -9.87 2.01
N ARG A 58 7.50 -8.74 2.49
CA ARG A 58 8.04 -7.71 1.61
C ARG A 58 9.48 -7.97 1.15
N VAL A 59 10.24 -8.72 1.94
CA VAL A 59 11.62 -9.06 1.60
C VAL A 59 11.82 -10.53 1.97
N PRO A 60 11.19 -11.44 1.22
CA PRO A 60 11.28 -12.89 1.47
C PRO A 60 12.66 -13.54 1.36
N ARG A 61 13.49 -13.08 0.44
CA ARG A 61 14.84 -13.65 0.26
C ARG A 61 15.73 -13.20 1.41
N ARG A 62 16.12 -14.15 2.26
CA ARG A 62 16.95 -13.83 3.41
C ARG A 62 18.31 -13.22 3.10
N ASP A 63 18.82 -13.44 1.90
CA ASP A 63 20.12 -12.87 1.54
C ASP A 63 20.01 -11.68 0.59
N THR A 64 18.84 -11.03 0.59
CA THR A 64 18.63 -9.84 -0.23
C THR A 64 19.45 -8.70 0.37
N PRO A 65 20.12 -7.90 -0.47
CA PRO A 65 20.91 -6.80 0.08
C PRO A 65 19.94 -5.77 0.68
N ILE A 66 19.87 -5.71 2.01
CA ILE A 66 18.98 -4.78 2.67
C ILE A 66 19.76 -3.61 3.26
N THR A 67 19.29 -2.40 2.99
CA THR A 67 19.93 -1.20 3.51
C THR A 67 18.85 -0.38 4.24
N VAL A 68 19.00 -0.25 5.56
CA VAL A 68 18.03 0.49 6.36
C VAL A 68 18.54 1.90 6.66
N TYR A 69 17.63 2.82 6.94
CA TYR A 69 18.02 4.18 7.27
C TYR A 69 16.93 4.96 7.99
N ASP A 70 17.33 6.05 8.62
CA ASP A 70 16.42 6.97 9.30
C ASP A 70 17.12 8.31 9.18
N ASP A 71 16.71 9.29 9.98
CA ASP A 71 17.37 10.58 9.87
C ASP A 71 18.08 10.94 11.18
N GLY A 72 18.72 9.94 11.78
CA GLY A 72 19.46 10.17 13.02
C GLY A 72 18.76 9.81 14.33
N GLU A 73 17.54 9.29 14.25
CA GLU A 73 16.78 8.92 15.44
C GLU A 73 17.33 7.73 16.21
N GLY A 74 18.22 6.96 15.57
CA GLY A 74 18.77 5.79 16.24
C GLY A 74 17.91 4.57 16.02
N LEU A 75 17.01 4.65 15.05
CA LEU A 75 16.11 3.54 14.71
C LEU A 75 16.80 2.54 13.79
N ALA A 76 17.59 3.05 12.84
CA ALA A 76 18.28 2.19 11.88
C ALA A 76 19.14 1.10 12.50
N PRO A 77 20.04 1.44 13.43
CA PRO A 77 20.86 0.39 14.03
C PRO A 77 20.07 -0.71 14.74
N VAL A 78 18.94 -0.34 15.35
CA VAL A 78 18.09 -1.32 16.02
C VAL A 78 17.44 -2.22 14.97
N ALA A 79 16.97 -1.61 13.89
CA ALA A 79 16.34 -2.36 12.81
C ALA A 79 17.34 -3.36 12.22
N ALA A 80 18.56 -2.90 11.99
CA ALA A 80 19.60 -3.77 11.41
C ALA A 80 19.86 -4.99 12.27
N GLN A 81 19.92 -4.79 13.58
CA GLN A 81 20.16 -5.89 14.51
C GLN A 81 19.02 -6.90 14.52
N ARG A 82 17.80 -6.40 14.56
CA ARG A 82 16.64 -7.29 14.58
C ARG A 82 16.57 -8.09 13.31
N LEU A 83 16.96 -7.47 12.19
CA LEU A 83 16.94 -8.19 10.91
C LEU A 83 18.00 -9.29 10.95
N HIS A 84 19.16 -9.01 11.52
CA HIS A 84 20.17 -10.05 11.59
C HIS A 84 19.67 -11.23 12.40
N ASP A 85 19.06 -10.92 13.54
CA ASP A 85 18.50 -11.94 14.41
C ASP A 85 17.31 -12.70 13.78
N LEU A 86 16.69 -12.10 12.78
CA LEU A 86 15.58 -12.76 12.09
C LEU A 86 16.08 -13.66 10.96
N GLY A 87 17.39 -13.63 10.74
CA GLY A 87 17.97 -14.46 9.71
C GLY A 87 18.45 -13.79 8.43
N TYR A 88 18.35 -12.47 8.34
CA TYR A 88 18.80 -11.78 7.14
C TYR A 88 20.32 -11.63 7.17
N SER A 89 20.97 -12.19 6.16
CA SER A 89 22.42 -12.23 6.05
C SER A 89 23.18 -11.08 5.38
N ASP A 90 22.47 -10.15 4.75
CA ASP A 90 23.15 -9.04 4.07
C ASP A 90 22.47 -7.73 4.43
N VAL A 91 22.69 -7.28 5.66
CA VAL A 91 22.08 -6.05 6.15
C VAL A 91 23.11 -4.95 6.32
N ALA A 92 22.73 -3.73 5.96
CA ALA A 92 23.63 -2.59 6.09
C ALA A 92 22.88 -1.33 6.45
N LEU A 93 23.61 -0.33 6.94
CA LEU A 93 23.05 0.96 7.30
C LEU A 93 23.44 1.90 6.17
N LEU A 94 22.55 2.81 5.79
CA LEU A 94 22.86 3.78 4.74
C LEU A 94 23.79 4.82 5.33
N ASP A 95 24.94 5.03 4.70
CA ASP A 95 25.92 5.99 5.18
C ASP A 95 25.32 7.40 5.33
N GLY A 96 25.32 7.90 6.57
CA GLY A 96 24.78 9.23 6.83
C GLY A 96 23.27 9.30 6.89
N GLY A 97 22.61 8.16 6.72
CA GLY A 97 21.15 8.15 6.75
C GLY A 97 20.56 9.03 5.67
N LEU A 98 19.37 9.59 5.94
CA LEU A 98 18.70 10.46 4.98
C LEU A 98 19.60 11.62 4.54
N SER A 99 20.26 12.25 5.51
CA SER A 99 21.13 13.37 5.21
C SER A 99 22.29 12.95 4.32
N GLY A 100 22.73 11.71 4.48
CA GLY A 100 23.81 11.19 3.67
C GLY A 100 23.38 11.13 2.22
N TRP A 101 22.14 10.69 1.99
CA TRP A 101 21.60 10.59 0.63
C TRP A 101 21.52 11.98 0.00
N ARG A 102 20.98 12.94 0.74
CA ARG A 102 20.85 14.30 0.28
C ARG A 102 22.21 14.91 -0.05
N ASN A 103 23.15 14.79 0.88
CA ASN A 103 24.48 15.35 0.72
C ASN A 103 25.26 14.79 -0.46
N ALA A 104 24.94 13.56 -0.85
CA ALA A 104 25.63 12.91 -1.96
C ALA A 104 25.02 13.35 -3.30
N GLY A 105 23.97 14.17 -3.23
CA GLY A 105 23.33 14.65 -4.44
C GLY A 105 22.10 13.84 -4.84
N GLY A 106 21.70 12.92 -3.98
CA GLY A 106 20.54 12.09 -4.27
C GLY A 106 19.24 12.88 -4.26
N GLU A 107 18.33 12.52 -5.15
CA GLU A 107 17.03 13.19 -5.23
C GLU A 107 16.14 12.69 -4.10
N LEU A 108 15.34 13.59 -3.52
CA LEU A 108 14.44 13.22 -2.44
C LEU A 108 12.99 13.55 -2.80
N PHE A 109 12.07 12.72 -2.33
CA PHE A 109 10.65 12.90 -2.63
C PHE A 109 9.79 12.90 -1.38
N ARG A 110 8.65 13.58 -1.44
CA ARG A 110 7.74 13.57 -0.31
C ARG A 110 6.55 12.73 -0.71
N ASP A 111 5.60 12.57 0.21
CA ASP A 111 4.39 11.79 0.02
C ASP A 111 4.66 10.28 0.00
N VAL A 112 3.67 9.49 -0.42
CA VAL A 112 3.80 8.04 -0.46
C VAL A 112 3.51 7.46 -1.84
N ASN A 113 3.98 6.23 -2.07
CA ASN A 113 3.79 5.51 -3.34
C ASN A 113 4.26 6.40 -4.50
N VAL A 114 5.40 7.03 -4.30
CA VAL A 114 5.96 7.96 -5.29
C VAL A 114 6.28 7.37 -6.66
N PRO A 115 6.92 6.19 -6.71
CA PRO A 115 7.20 5.64 -8.04
C PRO A 115 5.92 5.48 -8.86
N SER A 116 4.88 4.96 -8.22
CA SER A 116 3.59 4.76 -8.90
C SER A 116 2.97 6.07 -9.37
N LYS A 117 3.00 7.09 -8.52
CA LYS A 117 2.41 8.37 -8.86
C LYS A 117 3.23 9.15 -9.89
N ALA A 118 4.55 9.09 -9.75
CA ALA A 118 5.43 9.77 -10.69
C ALA A 118 5.27 9.11 -12.06
N PHE A 119 5.12 7.79 -12.06
CA PHE A 119 4.92 7.06 -13.32
C PHE A 119 3.62 7.52 -13.98
N GLY A 120 2.58 7.74 -13.18
CA GLY A 120 1.32 8.19 -13.72
C GLY A 120 1.46 9.50 -14.47
N GLU A 121 2.25 10.41 -13.91
CA GLU A 121 2.46 11.70 -14.55
C GLU A 121 3.25 11.52 -15.84
N LEU A 122 4.18 10.56 -15.85
CA LEU A 122 4.98 10.28 -17.03
C LEU A 122 4.10 9.77 -18.18
N VAL A 123 3.11 8.94 -17.83
CA VAL A 123 2.19 8.42 -18.83
C VAL A 123 1.43 9.57 -19.50
N GLU A 124 0.88 10.49 -18.72
CA GLU A 124 0.15 11.61 -19.31
C GLU A 124 1.08 12.49 -20.13
N ALA A 125 2.28 12.72 -19.63
CA ALA A 125 3.24 13.55 -20.35
C ALA A 125 3.61 12.94 -21.71
N GLU A 126 3.78 11.62 -21.74
CA GLU A 126 4.16 10.93 -22.96
C GLU A 126 3.03 10.60 -23.92
N ARG A 127 1.88 10.21 -23.38
CA ARG A 127 0.74 9.84 -24.23
C ARG A 127 -0.34 10.90 -24.35
N HIS A 128 -0.18 12.00 -23.62
CA HIS A 128 -1.16 13.08 -23.64
C HIS A 128 -2.56 12.54 -23.33
N THR A 129 -2.63 11.65 -22.34
CA THR A 129 -3.89 11.04 -21.93
C THR A 129 -4.97 12.11 -21.78
N PRO A 130 -6.09 11.94 -22.51
CA PRO A 130 -7.21 12.90 -22.47
C PRO A 130 -7.79 13.14 -21.09
N SER A 131 -8.22 14.38 -20.85
CA SER A 131 -8.83 14.73 -19.57
C SER A 131 -9.89 15.80 -19.77
N LEU A 132 -10.82 15.86 -18.83
CA LEU A 132 -11.92 16.83 -18.85
C LEU A 132 -11.91 17.60 -17.52
N ALA A 133 -12.15 18.90 -17.61
CA ALA A 133 -12.17 19.73 -16.39
C ALA A 133 -13.40 19.38 -15.58
N ALA A 134 -13.31 19.57 -14.26
CA ALA A 134 -14.46 19.30 -13.39
C ALA A 134 -15.70 20.01 -13.93
N GLU A 135 -15.51 21.25 -14.39
CA GLU A 135 -16.61 22.04 -14.93
C GLU A 135 -17.19 21.44 -16.20
N GLU A 136 -16.33 20.83 -17.02
CA GLU A 136 -16.82 20.23 -18.25
C GLU A 136 -17.66 18.99 -17.94
N VAL A 137 -17.24 18.21 -16.96
CA VAL A 137 -17.96 17.02 -16.58
C VAL A 137 -19.29 17.42 -15.92
N GLN A 138 -19.26 18.48 -15.14
CA GLN A 138 -20.49 18.97 -14.50
C GLN A 138 -21.49 19.38 -15.59
N ALA A 139 -20.99 20.01 -16.65
CA ALA A 139 -21.85 20.44 -17.74
C ALA A 139 -22.46 19.23 -18.44
N LEU A 140 -21.67 18.17 -18.61
CA LEU A 140 -22.17 16.95 -19.22
C LEU A 140 -23.32 16.37 -18.39
N LEU A 141 -23.20 16.45 -17.07
CA LEU A 141 -24.25 15.96 -16.18
C LEU A 141 -25.49 16.84 -16.32
N ASP A 142 -25.27 18.16 -16.40
CA ASP A 142 -26.39 19.10 -16.54
C ASP A 142 -27.08 18.91 -17.90
N ALA A 143 -26.36 18.32 -18.84
CA ALA A 143 -26.90 18.09 -20.18
C ALA A 143 -27.49 16.70 -20.34
N ARG A 144 -27.42 15.90 -19.27
CA ARG A 144 -27.93 14.54 -19.28
C ARG A 144 -27.23 13.77 -20.40
N ALA A 145 -25.95 14.07 -20.57
CA ALA A 145 -25.13 13.43 -21.59
C ALA A 145 -24.99 11.93 -21.37
N GLU A 146 -24.85 11.20 -22.47
CA GLU A 146 -24.67 9.75 -22.39
C GLU A 146 -23.20 9.53 -22.03
N ALA A 147 -22.97 9.33 -20.75
CA ALA A 147 -21.62 9.14 -20.26
C ALA A 147 -21.66 8.45 -18.92
N VAL A 148 -20.64 7.66 -18.61
CA VAL A 148 -20.56 6.99 -17.33
C VAL A 148 -19.27 7.43 -16.68
N ILE A 149 -19.30 7.63 -15.37
CA ILE A 149 -18.12 8.05 -14.61
C ILE A 149 -17.72 6.86 -13.77
N LEU A 150 -16.54 6.31 -14.05
CA LEU A 150 -16.04 5.15 -13.34
C LEU A 150 -14.93 5.54 -12.38
N ASP A 151 -15.11 5.17 -11.11
CA ASP A 151 -14.17 5.48 -10.04
C ASP A 151 -13.18 4.32 -9.88
N ALA A 152 -11.91 4.57 -10.19
CA ALA A 152 -10.86 3.55 -10.14
C ALA A 152 -10.21 3.22 -8.80
N ARG A 153 -10.70 3.83 -7.73
CA ARG A 153 -10.14 3.59 -6.40
C ARG A 153 -10.73 2.36 -5.73
N ARG A 154 -10.33 2.09 -4.49
CA ARG A 154 -10.89 0.97 -3.75
C ARG A 154 -12.35 1.32 -3.46
N PHE A 155 -13.18 0.31 -3.27
CA PHE A 155 -14.60 0.55 -2.99
C PHE A 155 -14.80 1.42 -1.75
N ASP A 156 -13.98 1.22 -0.71
CA ASP A 156 -14.14 2.02 0.51
C ASP A 156 -13.84 3.51 0.27
N GLU A 157 -12.94 3.80 -0.65
CA GLU A 157 -12.62 5.19 -0.96
C GLU A 157 -13.81 5.81 -1.67
N TYR A 158 -14.35 5.06 -2.64
CA TYR A 158 -15.51 5.49 -3.42
C TYR A 158 -16.69 5.77 -2.48
N GLN A 159 -16.84 4.93 -1.46
CA GLN A 159 -17.93 5.14 -0.51
C GLN A 159 -17.72 6.36 0.38
N THR A 160 -16.47 6.76 0.57
CA THR A 160 -16.20 7.92 1.40
C THR A 160 -16.71 9.20 0.71
N MSE A 161 -16.39 9.34 -0.57
CA MSE A 161 -16.88 10.47 -1.34
C MSE A 161 -16.75 10.08 -2.81
O MSE A 161 -15.82 9.37 -3.19
CB MSE A 161 -16.08 11.75 -1.05
CG MSE A 161 -14.70 11.82 -1.68
SE MSE A 161 -13.41 10.71 -0.75
CE MSE A 161 -11.82 11.79 -1.10
N SER A 162 -17.69 10.53 -3.62
CA SER A 162 -17.67 10.20 -5.04
C SER A 162 -18.30 11.26 -5.93
N ILE A 163 -17.99 11.17 -7.22
CA ILE A 163 -18.52 12.11 -8.21
C ILE A 163 -19.96 11.67 -8.49
N PRO A 164 -20.89 12.64 -8.59
CA PRO A 164 -22.31 12.32 -8.84
C PRO A 164 -22.54 11.29 -9.93
N GLY A 165 -23.28 10.22 -9.59
CA GLY A 165 -23.58 9.17 -10.55
C GLY A 165 -22.44 8.20 -10.79
N GLY A 166 -21.30 8.44 -10.15
CA GLY A 166 -20.15 7.57 -10.33
C GLY A 166 -20.39 6.12 -9.98
N ILE A 167 -19.68 5.23 -10.67
CA ILE A 167 -19.78 3.79 -10.46
C ILE A 167 -18.41 3.25 -10.07
N SER A 168 -18.36 2.46 -9.00
CA SER A 168 -17.08 1.90 -8.56
C SER A 168 -16.57 0.80 -9.48
N VAL A 169 -15.39 1.04 -10.07
CA VAL A 169 -14.76 0.07 -10.96
C VAL A 169 -13.24 0.18 -10.73
N PRO A 170 -12.73 -0.48 -9.68
CA PRO A 170 -11.31 -0.47 -9.35
C PRO A 170 -10.42 -0.65 -10.56
N GLY A 171 -9.32 0.10 -10.59
CA GLY A 171 -8.36 0.07 -11.69
C GLY A 171 -8.23 -1.11 -12.63
N ALA A 172 -7.87 -2.28 -12.10
CA ALA A 172 -7.70 -3.45 -12.94
C ALA A 172 -8.98 -3.98 -13.57
N GLU A 173 -10.13 -3.61 -13.00
CA GLU A 173 -11.42 -4.07 -13.50
C GLU A 173 -11.91 -3.28 -14.71
N LEU A 174 -11.35 -2.10 -14.96
CA LEU A 174 -11.78 -1.26 -16.07
C LEU A 174 -11.91 -1.92 -17.43
N VAL A 175 -10.83 -2.49 -17.95
CA VAL A 175 -10.88 -3.13 -19.26
C VAL A 175 -11.82 -4.33 -19.27
N LEU A 176 -11.93 -5.01 -18.13
CA LEU A 176 -12.79 -6.19 -18.03
C LEU A 176 -14.29 -5.88 -17.95
N ARG A 177 -14.66 -4.81 -17.26
CA ARG A 177 -16.08 -4.47 -17.07
C ARG A 177 -16.69 -3.39 -17.96
N VAL A 178 -15.86 -2.59 -18.62
CA VAL A 178 -16.37 -1.48 -19.43
C VAL A 178 -17.42 -1.78 -20.49
N ALA A 179 -17.30 -2.92 -21.17
CA ALA A 179 -18.27 -3.25 -22.21
C ALA A 179 -19.69 -3.43 -21.67
N GLU A 180 -19.80 -3.82 -20.41
CA GLU A 180 -21.10 -4.04 -19.76
C GLU A 180 -21.65 -2.73 -19.18
N LEU A 181 -20.77 -1.80 -18.86
CA LEU A 181 -21.20 -0.52 -18.29
C LEU A 181 -21.39 0.55 -19.35
N ALA A 182 -20.74 0.38 -20.50
CA ALA A 182 -20.85 1.33 -21.60
C ALA A 182 -20.88 0.58 -22.93
N PRO A 183 -21.92 -0.24 -23.14
CA PRO A 183 -22.08 -1.04 -24.36
C PRO A 183 -22.20 -0.24 -25.66
N ASP A 184 -22.79 0.96 -25.58
CA ASP A 184 -22.95 1.81 -26.75
C ASP A 184 -21.61 2.51 -27.01
N PRO A 185 -21.04 2.34 -28.21
CA PRO A 185 -19.76 2.99 -28.53
C PRO A 185 -19.80 4.51 -28.45
N ARG A 186 -21.00 5.09 -28.50
CA ARG A 186 -21.14 6.54 -28.43
C ARG A 186 -21.03 7.04 -26.98
N THR A 187 -21.29 6.15 -26.02
CA THR A 187 -21.22 6.51 -24.60
C THR A 187 -19.82 6.91 -24.15
N ARG A 188 -19.71 8.11 -23.58
CA ARG A 188 -18.42 8.58 -23.09
C ARG A 188 -18.07 7.84 -21.81
N VAL A 189 -16.79 7.53 -21.65
CA VAL A 189 -16.32 6.87 -20.45
C VAL A 189 -15.33 7.82 -19.79
N ILE A 190 -15.65 8.20 -18.56
CA ILE A 190 -14.82 9.11 -17.78
C ILE A 190 -14.32 8.36 -16.56
N VAL A 191 -13.01 8.39 -16.33
CA VAL A 191 -12.42 7.70 -15.19
C VAL A 191 -11.92 8.72 -14.16
N ASN A 192 -12.24 8.50 -12.87
CA ASN A 192 -11.78 9.41 -11.84
C ASN A 192 -11.17 8.65 -10.67
N CYS A 193 -10.46 9.38 -9.83
CA CYS A 193 -9.89 8.86 -8.61
C CYS A 193 -10.00 10.08 -7.71
N ALA A 194 -9.23 10.13 -6.62
CA ALA A 194 -9.27 11.28 -5.73
C ALA A 194 -8.41 12.43 -6.27
N GLY A 195 -7.27 12.07 -6.83
CA GLY A 195 -6.38 13.06 -7.39
C GLY A 195 -6.27 12.88 -8.89
N ARG A 196 -5.13 12.36 -9.34
CA ARG A 196 -4.87 12.18 -10.76
C ARG A 196 -4.39 10.79 -11.16
N THR A 197 -3.47 10.22 -10.39
CA THR A 197 -2.84 8.96 -10.74
C THR A 197 -3.68 7.82 -11.28
N ARG A 198 -4.57 7.26 -10.48
CA ARG A 198 -5.39 6.16 -10.96
C ARG A 198 -6.32 6.53 -12.11
N SER A 199 -6.67 7.81 -12.24
CA SER A 199 -7.55 8.22 -13.35
C SER A 199 -6.76 8.22 -14.65
N ILE A 200 -5.47 8.59 -14.59
CA ILE A 200 -4.62 8.60 -15.78
C ILE A 200 -4.35 7.17 -16.23
N ILE A 201 -3.96 6.31 -15.28
CA ILE A 201 -3.68 4.92 -15.58
C ILE A 201 -4.93 4.22 -16.10
N GLY A 202 -6.07 4.51 -15.48
CA GLY A 202 -7.32 3.89 -15.91
C GLY A 202 -7.74 4.33 -17.30
N THR A 203 -7.63 5.61 -17.57
CA THR A 203 -8.01 6.14 -18.89
C THR A 203 -7.07 5.57 -19.95
N GLN A 204 -5.78 5.59 -19.68
CA GLN A 204 -4.82 5.08 -20.65
C GLN A 204 -4.96 3.57 -20.82
N SER A 205 -5.40 2.86 -19.77
CA SER A 205 -5.59 1.42 -19.87
C SER A 205 -6.66 1.12 -20.93
N LEU A 206 -7.74 1.87 -20.87
CA LEU A 206 -8.84 1.70 -21.82
C LEU A 206 -8.43 2.05 -23.24
N LEU A 207 -7.60 3.08 -23.39
CA LEU A 207 -7.13 3.47 -24.70
C LEU A 207 -6.19 2.42 -25.25
N ASN A 208 -5.28 1.94 -24.40
CA ASN A 208 -4.33 0.91 -24.82
C ASN A 208 -5.05 -0.38 -25.22
N ALA A 209 -6.15 -0.67 -24.52
CA ALA A 209 -6.95 -1.85 -24.82
C ALA A 209 -7.82 -1.60 -26.05
N GLY A 210 -7.82 -0.36 -26.53
CA GLY A 210 -8.56 0.01 -27.73
C GLY A 210 -10.08 -0.02 -27.75
N ILE A 211 -10.75 0.44 -26.70
CA ILE A 211 -12.21 0.44 -26.72
C ILE A 211 -12.70 1.53 -27.68
N PRO A 212 -13.88 1.33 -28.29
CA PRO A 212 -14.44 2.31 -29.23
C PRO A 212 -14.98 3.61 -28.63
N ASN A 213 -15.28 3.60 -27.33
CA ASN A 213 -15.83 4.78 -26.64
C ASN A 213 -14.83 5.92 -26.48
N PRO A 214 -15.32 7.17 -26.52
CA PRO A 214 -14.40 8.29 -26.33
C PRO A 214 -14.11 8.25 -24.84
N VAL A 215 -12.83 8.25 -24.46
CA VAL A 215 -12.45 8.16 -23.05
C VAL A 215 -11.65 9.36 -22.56
N ALA A 216 -11.80 9.68 -21.28
CA ALA A 216 -11.07 10.80 -20.70
C ALA A 216 -11.04 10.69 -19.19
N ALA A 217 -10.01 11.26 -18.58
CA ALA A 217 -9.91 11.25 -17.14
C ALA A 217 -10.57 12.51 -16.59
N LEU A 218 -11.19 12.40 -15.41
CA LEU A 218 -11.75 13.59 -14.78
C LEU A 218 -10.50 14.23 -14.21
N ARG A 219 -10.13 15.38 -14.75
CA ARG A 219 -8.92 16.08 -14.32
C ARG A 219 -8.90 16.48 -12.84
N ASN A 220 -7.97 15.88 -12.11
CA ASN A 220 -7.78 16.13 -10.68
C ASN A 220 -8.83 15.53 -9.73
N GLY A 221 -9.66 14.63 -10.26
CA GLY A 221 -10.66 13.92 -9.45
C GLY A 221 -11.56 14.61 -8.45
N THR A 222 -11.82 13.94 -7.33
CA THR A 222 -12.69 14.49 -6.29
C THR A 222 -12.10 15.77 -5.70
N ILE A 223 -10.77 15.87 -5.69
CA ILE A 223 -10.11 17.07 -5.20
C ILE A 223 -10.49 18.22 -6.13
N GLY A 224 -10.39 17.98 -7.42
CA GLY A 224 -10.72 18.99 -8.41
C GLY A 224 -12.19 19.34 -8.39
N TRP A 225 -13.03 18.36 -8.08
CA TRP A 225 -14.47 18.56 -8.03
C TRP A 225 -14.78 19.56 -6.90
N THR A 226 -14.14 19.35 -5.75
CA THR A 226 -14.33 20.23 -4.59
C THR A 226 -13.76 21.61 -4.89
N LEU A 227 -12.56 21.66 -5.47
CA LEU A 227 -11.93 22.94 -5.77
C LEU A 227 -12.76 23.73 -6.78
N ALA A 228 -13.53 23.02 -7.61
CA ALA A 228 -14.37 23.66 -8.60
C ALA A 228 -15.67 24.15 -7.94
N GLY A 229 -15.83 23.83 -6.67
CA GLY A 229 -17.02 24.23 -5.94
C GLY A 229 -18.23 23.37 -6.23
N GLN A 230 -17.99 22.18 -6.76
CA GLN A 230 -19.08 21.28 -7.09
C GLN A 230 -19.37 20.30 -5.94
N GLN A 231 -20.49 19.61 -6.03
CA GLN A 231 -20.92 18.71 -4.95
C GLN A 231 -20.59 17.23 -5.09
N LEU A 232 -20.01 16.67 -4.04
CA LEU A 232 -19.66 15.26 -4.01
C LEU A 232 -20.80 14.48 -3.35
N GLU A 233 -20.89 13.20 -3.65
CA GLU A 233 -21.90 12.35 -3.04
C GLU A 233 -21.14 11.50 -2.02
N HIS A 234 -21.87 10.83 -1.13
CA HIS A 234 -21.21 10.03 -0.11
C HIS A 234 -22.00 8.76 0.18
N GLY A 235 -21.30 7.70 0.58
CA GLY A 235 -21.96 6.45 0.91
C GLY A 235 -22.64 5.76 -0.26
N GLN A 236 -22.22 6.11 -1.48
CA GLN A 236 -22.80 5.50 -2.66
C GLN A 236 -22.43 4.03 -2.78
N THR A 237 -23.19 3.28 -3.57
CA THR A 237 -22.98 1.86 -3.73
C THR A 237 -23.03 1.33 -5.17
N ARG A 238 -23.01 2.23 -6.16
CA ARG A 238 -23.05 1.80 -7.55
C ARG A 238 -21.75 1.06 -7.84
N ARG A 239 -21.86 -0.12 -8.44
CA ARG A 239 -20.69 -0.91 -8.72
C ARG A 239 -20.84 -1.77 -9.97
N PHE A 240 -19.71 -2.21 -10.52
CA PHE A 240 -19.70 -3.05 -11.71
C PHE A 240 -20.39 -4.36 -11.36
N GLY A 241 -20.78 -5.12 -12.38
CA GLY A 241 -21.42 -6.39 -12.15
C GLY A 241 -20.70 -7.51 -12.86
N ALA A 242 -21.27 -8.70 -12.79
CA ALA A 242 -20.71 -9.87 -13.46
C ALA A 242 -20.84 -9.62 -14.96
N ILE A 243 -19.92 -10.16 -15.74
CA ILE A 243 -19.96 -9.97 -17.18
C ILE A 243 -20.21 -11.28 -17.92
N SER A 244 -20.55 -11.17 -19.19
CA SER A 244 -20.81 -12.36 -20.00
C SER A 244 -19.48 -12.89 -20.53
N GLN A 245 -19.49 -14.14 -20.96
CA GLN A 245 -18.28 -14.76 -21.48
C GLN A 245 -17.84 -14.07 -22.78
N ASP A 246 -18.81 -13.57 -23.54
CA ASP A 246 -18.53 -12.89 -24.79
C ASP A 246 -17.68 -11.66 -24.47
N THR A 247 -18.15 -10.87 -23.52
CA THR A 247 -17.46 -9.65 -23.10
C THR A 247 -16.02 -9.98 -22.67
N ARG A 248 -15.89 -10.99 -21.83
CA ARG A 248 -14.58 -11.41 -21.31
C ARG A 248 -13.58 -11.78 -22.41
N LYS A 249 -13.97 -12.71 -23.27
CA LYS A 249 -13.10 -13.18 -24.36
C LYS A 249 -12.53 -12.06 -25.22
N ALA A 250 -13.38 -11.11 -25.59
CA ALA A 250 -12.94 -9.99 -26.42
C ALA A 250 -11.93 -9.11 -25.67
N ALA A 251 -12.26 -8.76 -24.45
CA ALA A 251 -11.39 -7.93 -23.63
C ALA A 251 -10.05 -8.63 -23.34
N ALA A 252 -10.10 -9.94 -23.12
CA ALA A 252 -8.91 -10.73 -22.84
C ALA A 252 -7.93 -10.67 -24.00
N GLN A 253 -8.45 -10.75 -25.22
CA GLN A 253 -7.61 -10.69 -26.41
C GLN A 253 -6.90 -9.35 -26.48
N ARG A 254 -7.63 -8.27 -26.20
CA ARG A 254 -7.06 -6.92 -26.23
C ARG A 254 -6.00 -6.75 -25.14
N ALA A 255 -6.31 -7.24 -23.94
CA ALA A 255 -5.40 -7.14 -22.80
C ALA A 255 -4.11 -7.92 -23.04
N ARG A 256 -4.22 -9.12 -23.57
CA ARG A 256 -3.04 -9.93 -23.85
C ARG A 256 -2.13 -9.21 -24.84
N ALA A 257 -2.74 -8.50 -25.80
CA ALA A 257 -1.96 -7.77 -26.79
C ALA A 257 -1.19 -6.62 -26.12
N VAL A 258 -1.84 -5.96 -25.16
CA VAL A 258 -1.19 -4.86 -24.44
C VAL A 258 -0.01 -5.41 -23.64
N ALA A 259 -0.22 -6.54 -22.97
CA ALA A 259 0.82 -7.17 -22.16
C ALA A 259 1.99 -7.59 -23.05
N ASP A 260 1.71 -8.20 -24.19
CA ASP A 260 2.79 -8.63 -25.08
C ASP A 260 3.57 -7.41 -25.55
N ARG A 261 2.85 -6.33 -25.83
CA ARG A 261 3.44 -5.08 -26.30
C ARG A 261 4.41 -4.51 -25.25
N ALA A 262 4.04 -4.63 -23.98
CA ALA A 262 4.87 -4.12 -22.89
C ALA A 262 6.02 -5.04 -22.48
N GLY A 263 6.07 -6.22 -23.08
CA GLY A 263 7.15 -7.15 -22.76
C GLY A 263 6.87 -8.05 -21.58
N VAL A 264 5.60 -8.18 -21.20
CA VAL A 264 5.22 -9.03 -20.09
C VAL A 264 5.57 -10.48 -20.46
N GLU A 265 6.20 -11.19 -19.53
CA GLU A 265 6.58 -12.57 -19.76
C GLU A 265 5.41 -13.51 -19.47
N ARG A 266 5.49 -14.73 -19.97
CA ARG A 266 4.44 -15.73 -19.75
C ARG A 266 5.04 -16.90 -18.96
N LEU A 267 4.20 -17.55 -18.15
CA LEU A 267 4.63 -18.69 -17.35
C LEU A 267 3.47 -19.64 -17.09
N ASP A 268 3.78 -20.91 -16.89
CA ASP A 268 2.77 -21.90 -16.55
C ASP A 268 3.17 -22.35 -15.14
N LEU A 269 2.33 -23.14 -14.49
CA LEU A 269 2.64 -23.61 -13.14
C LEU A 269 4.06 -24.15 -13.00
N ALA A 270 4.51 -24.92 -13.99
CA ALA A 270 5.85 -25.49 -13.95
C ALA A 270 6.89 -24.36 -14.00
N GLY A 271 6.62 -23.34 -14.81
CA GLY A 271 7.52 -22.23 -14.92
C GLY A 271 7.60 -21.45 -13.61
N LEU A 272 6.46 -21.35 -12.94
CA LEU A 272 6.40 -20.65 -11.66
C LEU A 272 7.26 -21.39 -10.63
N ALA A 273 7.05 -22.70 -10.53
CA ALA A 273 7.80 -23.52 -9.60
C ALA A 273 9.30 -23.35 -9.80
N GLN A 274 9.73 -23.28 -11.05
CA GLN A 274 11.13 -23.10 -11.38
C GLN A 274 11.66 -21.78 -10.81
N TRP A 275 10.91 -20.70 -11.03
CA TRP A 275 11.32 -19.40 -10.52
C TRP A 275 11.47 -19.42 -9.01
N GLN A 276 10.51 -20.04 -8.33
CA GLN A 276 10.54 -20.13 -6.89
C GLN A 276 11.70 -21.01 -6.41
N ASP A 277 12.22 -21.83 -7.32
CA ASP A 277 13.33 -22.72 -7.00
C ASP A 277 14.67 -22.01 -7.15
N GLU A 278 14.66 -20.84 -7.78
CA GLU A 278 15.88 -20.05 -7.97
C GLU A 278 16.04 -19.14 -6.77
N HIS A 279 16.89 -19.57 -5.85
CA HIS A 279 17.14 -18.84 -4.60
C HIS A 279 17.90 -17.53 -4.73
N ASP A 280 18.34 -17.20 -5.94
CA ASP A 280 19.06 -15.95 -6.15
C ASP A 280 18.12 -14.82 -6.52
N ARG A 281 16.82 -15.13 -6.65
CA ARG A 281 15.84 -14.12 -7.01
C ARG A 281 14.62 -14.12 -6.08
N THR A 282 13.98 -12.95 -6.00
CA THR A 282 12.79 -12.77 -5.19
C THR A 282 11.61 -12.84 -6.16
N THR A 283 10.66 -13.73 -5.89
CA THR A 283 9.50 -13.89 -6.75
C THR A 283 8.21 -13.72 -5.96
N TYR A 284 7.45 -12.68 -6.27
CA TYR A 284 6.19 -12.40 -5.58
C TYR A 284 5.04 -12.98 -6.40
N LEU A 285 4.23 -13.85 -5.80
CA LEU A 285 3.08 -14.44 -6.48
C LEU A 285 1.87 -13.62 -6.02
N LEU A 286 1.30 -12.84 -6.94
CA LEU A 286 0.19 -11.94 -6.60
C LEU A 286 -1.12 -12.13 -7.37
N ASP A 287 -2.23 -12.14 -6.63
CA ASP A 287 -3.59 -12.31 -7.17
C ASP A 287 -4.22 -10.91 -7.32
N VAL A 288 -4.45 -10.48 -8.56
CA VAL A 288 -5.02 -9.15 -8.81
C VAL A 288 -6.54 -9.02 -8.87
N ARG A 289 -7.25 -10.09 -8.54
CA ARG A 289 -8.72 -10.05 -8.55
C ARG A 289 -9.23 -9.33 -7.30
N THR A 290 -10.55 -9.24 -7.17
CA THR A 290 -11.16 -8.58 -6.01
C THR A 290 -10.88 -9.38 -4.74
N PRO A 291 -10.96 -8.74 -3.57
CA PRO A 291 -10.71 -9.44 -2.31
C PRO A 291 -11.67 -10.63 -2.13
N GLU A 292 -12.93 -10.43 -2.52
CA GLU A 292 -13.95 -11.47 -2.40
C GLU A 292 -13.59 -12.73 -3.20
N GLU A 293 -13.16 -12.55 -4.44
CA GLU A 293 -12.78 -13.66 -5.29
C GLU A 293 -11.60 -14.39 -4.68
N TYR A 294 -10.62 -13.64 -4.21
CA TYR A 294 -9.43 -14.21 -3.59
C TYR A 294 -9.82 -15.13 -2.43
N GLU A 295 -10.61 -14.61 -1.49
CA GLU A 295 -11.01 -15.39 -0.33
C GLU A 295 -11.88 -16.60 -0.71
N ALA A 296 -12.59 -16.49 -1.84
CA ALA A 296 -13.44 -17.59 -2.30
C ALA A 296 -12.56 -18.75 -2.75
N GLY A 297 -11.35 -18.44 -3.19
CA GLY A 297 -10.43 -19.46 -3.65
C GLY A 297 -9.24 -18.83 -4.37
N HIS A 298 -8.03 -19.20 -3.95
CA HIS A 298 -6.82 -18.65 -4.55
C HIS A 298 -5.67 -19.65 -4.55
N LEU A 299 -4.64 -19.36 -5.34
CA LEU A 299 -3.48 -20.24 -5.44
C LEU A 299 -2.67 -20.25 -4.16
N PRO A 300 -2.22 -21.43 -3.72
CA PRO A 300 -1.41 -21.50 -2.50
C PRO A 300 -0.17 -20.64 -2.67
N GLY A 301 0.17 -19.87 -1.64
CA GLY A 301 1.36 -19.03 -1.70
C GLY A 301 1.14 -17.67 -2.31
N SER A 302 -0.05 -17.42 -2.86
CA SER A 302 -0.32 -16.12 -3.46
C SER A 302 -0.89 -15.13 -2.44
N ARG A 303 -0.61 -13.85 -2.67
CA ARG A 303 -1.08 -12.78 -1.79
C ARG A 303 -2.16 -12.00 -2.54
N SER A 304 -3.13 -11.47 -1.81
CA SER A 304 -4.20 -10.70 -2.45
C SER A 304 -3.76 -9.26 -2.65
N THR A 305 -3.63 -8.86 -3.90
CA THR A 305 -3.25 -7.49 -4.24
C THR A 305 -4.07 -7.04 -5.45
N PRO A 306 -5.33 -6.62 -5.23
CA PRO A 306 -6.17 -6.16 -6.33
C PRO A 306 -5.35 -5.32 -7.30
N GLY A 307 -5.46 -5.62 -8.59
CA GLY A 307 -4.69 -4.95 -9.62
C GLY A 307 -4.49 -3.44 -9.55
N GLY A 308 -5.60 -2.70 -9.46
CA GLY A 308 -5.51 -1.25 -9.41
C GLY A 308 -4.63 -0.73 -8.28
N GLN A 309 -4.75 -1.36 -7.12
CA GLN A 309 -3.95 -0.96 -5.98
C GLN A 309 -2.52 -1.50 -6.04
N LEU A 310 -2.31 -2.59 -6.77
CA LEU A 310 -0.95 -3.14 -6.89
C LEU A 310 -0.15 -2.13 -7.72
N VAL A 311 -0.81 -1.56 -8.73
CA VAL A 311 -0.17 -0.58 -9.60
C VAL A 311 0.00 0.76 -8.87
N GLN A 312 -0.92 1.08 -7.97
CA GLN A 312 -0.90 2.35 -7.22
C GLN A 312 0.03 2.33 -6.00
N GLU A 313 0.09 1.21 -5.28
CA GLU A 313 0.92 1.12 -4.07
C GLU A 313 1.93 -0.02 -4.18
N THR A 314 2.57 -0.12 -5.34
CA THR A 314 3.53 -1.19 -5.63
C THR A 314 4.58 -1.44 -4.54
N ASP A 315 5.11 -0.37 -3.96
CA ASP A 315 6.14 -0.49 -2.93
C ASP A 315 5.69 -1.11 -1.61
N HIS A 316 4.38 -1.20 -1.38
CA HIS A 316 3.87 -1.80 -0.15
C HIS A 316 3.96 -3.32 -0.21
N VAL A 317 4.05 -3.84 -1.43
CA VAL A 317 4.12 -5.29 -1.66
C VAL A 317 5.46 -5.72 -2.21
N ALA A 318 5.83 -5.16 -3.36
CA ALA A 318 7.11 -5.48 -4.00
C ALA A 318 8.11 -4.43 -3.56
N SER A 319 8.60 -4.58 -2.34
CA SER A 319 9.55 -3.64 -1.75
C SER A 319 10.98 -3.86 -2.21
N VAL A 320 11.25 -5.02 -2.80
CA VAL A 320 12.58 -5.32 -3.31
C VAL A 320 12.63 -4.87 -4.76
N ARG A 321 13.26 -3.72 -5.00
CA ARG A 321 13.38 -3.20 -6.36
C ARG A 321 14.30 -4.15 -7.12
N GLY A 322 13.86 -4.60 -8.29
CA GLY A 322 14.66 -5.53 -9.06
C GLY A 322 14.10 -6.94 -8.95
N ALA A 323 13.12 -7.13 -8.07
CA ALA A 323 12.48 -8.43 -7.87
C ALA A 323 11.64 -8.83 -9.07
N ARG A 324 11.06 -10.02 -8.98
CA ARG A 324 10.25 -10.64 -10.02
C ARG A 324 8.80 -10.77 -9.55
N LEU A 325 7.84 -10.45 -10.41
CA LEU A 325 6.41 -10.56 -10.07
C LEU A 325 5.64 -11.52 -11.00
N VAL A 326 4.77 -12.33 -10.43
CA VAL A 326 3.95 -13.27 -11.21
C VAL A 326 2.50 -12.97 -10.85
N LEU A 327 1.70 -12.58 -11.84
CA LEU A 327 0.31 -12.21 -11.58
C LEU A 327 -0.74 -13.25 -11.92
N VAL A 328 -1.71 -13.37 -11.02
CA VAL A 328 -2.81 -14.34 -11.16
C VAL A 328 -4.20 -13.71 -11.32
N ASP A 329 -4.98 -14.27 -12.24
CA ASP A 329 -6.37 -13.87 -12.44
C ASP A 329 -7.05 -15.06 -13.12
N ASP A 330 -8.37 -15.02 -13.21
CA ASP A 330 -9.12 -16.11 -13.82
C ASP A 330 -10.00 -15.60 -14.96
N ASP A 331 -9.56 -14.51 -15.58
CA ASP A 331 -10.34 -13.89 -16.65
C ASP A 331 -9.55 -13.54 -17.90
N GLY A 332 -8.23 -13.48 -17.78
CA GLY A 332 -7.40 -13.16 -18.94
C GLY A 332 -7.29 -11.67 -19.25
N VAL A 333 -7.76 -10.82 -18.35
CA VAL A 333 -7.69 -9.38 -18.56
C VAL A 333 -6.95 -8.63 -17.45
N ARG A 334 -7.40 -8.80 -16.23
CA ARG A 334 -6.82 -8.10 -15.08
C ARG A 334 -5.32 -8.26 -14.87
N ALA A 335 -4.84 -9.50 -14.89
CA ALA A 335 -3.42 -9.74 -14.70
C ALA A 335 -2.63 -9.16 -15.89
N ASN A 336 -3.11 -9.36 -17.11
CA ASN A 336 -2.42 -8.83 -18.28
C ASN A 336 -2.30 -7.31 -18.24
N MSE A 337 -3.39 -6.62 -17.90
CA MSE A 337 -3.37 -5.16 -17.84
C MSE A 337 -2.46 -4.66 -16.73
O MSE A 337 -1.64 -3.76 -16.94
CB MSE A 337 -4.78 -4.59 -17.66
CG MSE A 337 -5.69 -4.68 -18.89
SE MSE A 337 -4.93 -4.06 -20.57
CE MSE A 337 -4.53 -2.20 -20.11
N SER A 338 -2.59 -5.23 -15.54
CA SER A 338 -1.77 -4.82 -14.40
C SER A 338 -0.29 -5.06 -14.69
N ALA A 339 0.01 -6.20 -15.31
CA ALA A 339 1.39 -6.54 -15.65
C ALA A 339 1.95 -5.54 -16.67
N SER A 340 1.15 -5.12 -17.62
CA SER A 340 1.63 -4.16 -18.62
C SER A 340 2.10 -2.88 -17.95
N TRP A 341 1.40 -2.45 -16.90
CA TRP A 341 1.79 -1.25 -16.18
C TRP A 341 3.04 -1.47 -15.34
N LEU A 342 3.12 -2.61 -14.66
CA LEU A 342 4.28 -2.93 -13.84
C LEU A 342 5.54 -3.05 -14.73
N ALA A 343 5.36 -3.56 -15.95
CA ALA A 343 6.47 -3.69 -16.88
C ALA A 343 6.98 -2.31 -17.28
N GLN A 344 6.05 -1.38 -17.50
CA GLN A 344 6.39 -0.02 -17.88
C GLN A 344 7.05 0.72 -16.73
N MSE A 345 6.82 0.23 -15.51
CA MSE A 345 7.44 0.83 -14.34
C MSE A 345 8.77 0.12 -14.06
O MSE A 345 9.33 0.22 -12.97
CB MSE A 345 6.51 0.76 -13.13
CG MSE A 345 5.39 1.79 -13.18
SE MSE A 345 4.42 1.94 -11.51
CE MSE A 345 3.39 0.34 -11.63
N GLY A 346 9.25 -0.61 -15.07
CA GLY A 346 10.53 -1.30 -14.98
C GLY A 346 10.61 -2.64 -14.29
N TRP A 347 9.47 -3.22 -13.93
CA TRP A 347 9.48 -4.51 -13.25
C TRP A 347 9.56 -5.70 -14.19
N GLN A 348 10.23 -6.76 -13.75
CA GLN A 348 10.27 -7.99 -14.52
C GLN A 348 8.99 -8.63 -14.03
N VAL A 349 8.04 -8.83 -14.94
CA VAL A 349 6.76 -9.38 -14.56
C VAL A 349 6.23 -10.40 -15.55
N ALA A 350 5.56 -11.41 -15.02
CA ALA A 350 4.98 -12.47 -15.84
C ALA A 350 3.53 -12.70 -15.43
N VAL A 351 2.73 -13.20 -16.36
CA VAL A 351 1.34 -13.53 -16.08
C VAL A 351 1.29 -15.06 -16.13
N LEU A 352 0.62 -15.66 -15.15
CA LEU A 352 0.52 -17.11 -15.06
C LEU A 352 -0.60 -17.66 -15.94
N ASP A 353 -0.21 -18.42 -16.97
CA ASP A 353 -1.17 -19.01 -17.91
C ASP A 353 -1.50 -20.47 -17.62
N GLY A 354 -2.58 -20.96 -18.20
CA GLY A 354 -2.97 -22.35 -18.03
C GLY A 354 -3.62 -22.75 -16.72
N LEU A 355 -4.06 -21.77 -15.93
CA LEU A 355 -4.68 -22.09 -14.65
C LEU A 355 -6.12 -22.56 -14.84
N SER A 356 -6.55 -23.49 -14.00
CA SER A 356 -7.90 -24.01 -14.06
C SER A 356 -8.55 -23.77 -12.70
N GLU A 357 -9.86 -23.95 -12.62
CA GLU A 357 -10.59 -23.72 -11.38
C GLU A 357 -10.02 -24.50 -10.20
N ALA A 358 -9.45 -25.67 -10.49
CA ALA A 358 -8.87 -26.52 -9.44
C ALA A 358 -7.63 -25.91 -8.77
N ASP A 359 -6.92 -25.04 -9.49
CA ASP A 359 -5.72 -24.42 -8.95
C ASP A 359 -5.99 -23.39 -7.85
N PHE A 360 -7.22 -22.86 -7.82
CA PHE A 360 -7.62 -21.89 -6.82
C PHE A 360 -8.18 -22.67 -5.64
N SER A 361 -7.33 -23.49 -5.04
CA SER A 361 -7.71 -24.36 -3.93
C SER A 361 -7.70 -23.77 -2.52
N GLU A 362 -6.79 -22.84 -2.25
CA GLU A 362 -6.68 -22.24 -0.93
C GLU A 362 -7.79 -21.21 -0.70
N ARG A 363 -8.43 -21.26 0.47
CA ARG A 363 -9.53 -20.35 0.76
C ARG A 363 -9.34 -19.51 2.01
N GLY A 364 -10.03 -18.38 2.04
CA GLY A 364 -9.93 -17.48 3.19
C GLY A 364 -8.99 -16.32 2.97
N ALA A 365 -8.83 -15.50 4.01
CA ALA A 365 -7.96 -14.34 3.94
C ALA A 365 -6.50 -14.75 3.88
N TRP A 366 -5.66 -13.85 3.35
CA TRP A 366 -4.23 -14.11 3.23
C TRP A 366 -3.60 -14.16 4.62
N SER A 367 -2.73 -15.15 4.85
CA SER A 367 -2.05 -15.26 6.14
C SER A 367 -0.60 -14.85 5.95
N ALA A 368 -0.27 -13.65 6.39
CA ALA A 368 1.08 -13.12 6.26
C ALA A 368 2.12 -13.99 6.95
N PRO A 369 3.29 -14.16 6.31
CA PRO A 369 4.35 -14.99 6.89
C PRO A 369 4.97 -14.24 8.08
N LEU A 370 5.06 -14.91 9.22
CA LEU A 370 5.62 -14.29 10.41
C LEU A 370 6.82 -15.04 10.96
N PRO A 371 7.69 -14.35 11.70
CA PRO A 371 8.87 -14.99 12.29
C PRO A 371 8.37 -15.71 13.54
N ARG A 372 9.27 -16.35 14.28
CA ARG A 372 8.88 -17.06 15.49
C ARG A 372 8.25 -16.07 16.47
N GLN A 373 7.13 -16.45 17.07
CA GLN A 373 6.43 -15.60 18.03
C GLN A 373 7.15 -15.63 19.38
N PRO A 374 7.56 -14.47 19.90
CA PRO A 374 8.25 -14.46 21.20
C PRO A 374 7.30 -14.89 22.32
N ARG A 375 7.87 -15.40 23.40
CA ARG A 375 7.06 -15.85 24.53
C ARG A 375 6.60 -14.69 25.39
N ALA A 376 5.47 -14.87 26.06
CA ALA A 376 4.92 -13.83 26.92
C ALA A 376 3.92 -14.41 27.91
N ASP A 377 3.89 -13.83 29.11
CA ASP A 377 2.94 -14.26 30.12
C ASP A 377 1.68 -13.46 29.80
N THR A 378 0.56 -14.16 29.67
CA THR A 378 -0.70 -13.50 29.33
C THR A 378 -1.64 -13.32 30.51
N ILE A 379 -2.63 -12.46 30.30
CA ILE A 379 -3.63 -12.17 31.31
C ILE A 379 -4.98 -12.06 30.58
N ASP A 380 -6.02 -12.65 31.15
CA ASP A 380 -7.34 -12.62 30.54
C ASP A 380 -7.98 -11.24 30.74
N PRO A 381 -8.86 -10.83 29.82
CA PRO A 381 -9.54 -9.53 29.90
C PRO A 381 -10.22 -9.28 31.25
N THR A 382 -10.95 -10.27 31.77
CA THR A 382 -11.63 -10.11 33.04
C THR A 382 -10.65 -9.90 34.20
N THR A 383 -9.48 -10.53 34.11
CA THR A 383 -8.48 -10.37 35.15
C THR A 383 -7.92 -8.95 35.08
N LEU A 384 -7.69 -8.48 33.86
CA LEU A 384 -7.18 -7.13 33.67
C LEU A 384 -8.17 -6.12 34.25
N ALA A 385 -9.45 -6.35 34.02
CA ALA A 385 -10.49 -5.44 34.53
C ALA A 385 -10.34 -5.33 36.05
N ASP A 386 -10.15 -6.48 36.71
CA ASP A 386 -9.97 -6.48 38.16
C ASP A 386 -8.76 -5.66 38.55
N TRP A 387 -7.63 -5.90 37.88
CA TRP A 387 -6.39 -5.17 38.15
C TRP A 387 -6.62 -3.65 38.07
N LEU A 388 -7.32 -3.21 37.04
CA LEU A 388 -7.58 -1.80 36.84
C LEU A 388 -8.46 -1.17 37.91
N GLY A 389 -8.98 -2.00 38.81
CA GLY A 389 -9.82 -1.50 39.89
C GLY A 389 -9.01 -0.78 40.95
N GLU A 390 -7.69 -0.92 40.86
CA GLU A 390 -6.76 -0.27 41.79
C GLU A 390 -5.64 0.34 40.97
N PRO A 391 -5.00 1.40 41.48
CA PRO A 391 -3.91 2.00 40.73
C PRO A 391 -2.67 1.11 40.70
N GLY A 392 -1.75 1.39 39.78
CA GLY A 392 -0.53 0.60 39.69
C GLY A 392 -0.36 -0.18 38.39
N THR A 393 -1.45 -0.35 37.64
CA THR A 393 -1.37 -1.09 36.39
C THR A 393 -1.38 -0.14 35.20
N ARG A 394 -0.34 -0.21 34.37
CA ARG A 394 -0.24 0.64 33.19
C ARG A 394 -0.53 -0.18 31.94
N VAL A 395 -1.53 0.27 31.18
CA VAL A 395 -1.91 -0.42 29.95
C VAL A 395 -1.37 0.38 28.77
N LEU A 396 -0.61 -0.29 27.92
CA LEU A 396 -0.02 0.34 26.73
C LEU A 396 -0.71 -0.24 25.50
N ASP A 397 -1.22 0.64 24.64
CA ASP A 397 -1.92 0.24 23.42
C ASP A 397 -1.03 0.50 22.20
N PHE A 398 -0.69 -0.56 21.47
CA PHE A 398 0.17 -0.47 20.29
C PHE A 398 -0.57 -0.38 18.95
N THR A 399 -1.89 -0.43 18.98
CA THR A 399 -2.65 -0.34 17.72
C THR A 399 -2.42 1.04 17.10
N ALA A 400 -2.81 1.20 15.83
CA ALA A 400 -2.62 2.48 15.15
C ALA A 400 -3.37 3.58 15.91
N SER A 401 -2.78 4.77 15.96
CA SER A 401 -3.41 5.88 16.69
C SER A 401 -4.84 6.12 16.24
N ALA A 402 -5.12 5.93 14.95
CA ALA A 402 -6.47 6.13 14.44
C ALA A 402 -7.43 5.12 15.09
N ASN A 403 -6.98 3.88 15.25
CA ASN A 403 -7.80 2.84 15.87
C ASN A 403 -8.02 3.15 17.34
N TYR A 404 -6.95 3.60 17.99
CA TYR A 404 -7.01 3.94 19.41
C TYR A 404 -8.08 5.00 19.67
N ALA A 405 -8.06 6.07 18.87
CA ALA A 405 -9.03 7.16 19.00
C ALA A 405 -10.46 6.69 18.81
N LYS A 406 -10.63 5.63 18.04
CA LYS A 406 -11.97 5.10 17.79
C LYS A 406 -12.49 4.28 18.97
N ARG A 407 -11.61 3.51 19.60
CA ARG A 407 -12.02 2.68 20.72
C ARG A 407 -10.82 2.02 21.39
N HIS A 408 -10.80 2.07 22.73
CA HIS A 408 -9.69 1.46 23.46
C HIS A 408 -10.10 1.15 24.90
N ILE A 409 -9.30 0.33 25.56
CA ILE A 409 -9.55 -0.04 26.95
C ILE A 409 -9.45 1.22 27.79
N PRO A 410 -10.41 1.46 28.69
CA PRO A 410 -10.38 2.66 29.55
C PRO A 410 -9.05 2.82 30.29
N GLY A 411 -8.46 4.01 30.17
CA GLY A 411 -7.20 4.28 30.84
C GLY A 411 -5.95 3.91 30.05
N ALA A 412 -6.11 3.16 28.96
CA ALA A 412 -4.97 2.75 28.15
C ALA A 412 -4.22 3.96 27.57
N ALA A 413 -2.90 3.83 27.45
CA ALA A 413 -2.08 4.89 26.90
C ALA A 413 -1.61 4.47 25.52
N TRP A 414 -1.79 5.33 24.52
CA TRP A 414 -1.34 4.99 23.18
C TRP A 414 0.15 5.26 23.08
N VAL A 415 0.88 4.34 22.44
CA VAL A 415 2.32 4.48 22.30
C VAL A 415 2.82 4.01 20.94
N LEU A 416 4.02 4.47 20.60
CA LEU A 416 4.70 4.09 19.38
C LEU A 416 5.74 3.08 19.86
N ARG A 417 5.77 1.91 19.26
CA ARG A 417 6.75 0.91 19.67
C ARG A 417 8.17 1.43 19.45
N SER A 418 8.33 2.30 18.45
CA SER A 418 9.64 2.86 18.11
C SER A 418 10.13 3.93 19.07
N GLN A 419 9.26 4.38 19.97
CA GLN A 419 9.63 5.41 20.94
C GLN A 419 9.20 5.03 22.35
N LEU A 420 9.39 3.76 22.70
CA LEU A 420 9.01 3.27 24.02
C LEU A 420 9.76 3.89 25.19
N LYS A 421 11.06 4.16 25.01
CA LYS A 421 11.83 4.75 26.10
C LYS A 421 11.18 6.04 26.55
N GLN A 422 10.92 6.92 25.60
CA GLN A 422 10.30 8.21 25.89
C GLN A 422 8.89 8.05 26.47
N ALA A 423 8.11 7.13 25.91
CA ALA A 423 6.75 6.92 26.39
C ALA A 423 6.72 6.47 27.84
N LEU A 424 7.56 5.50 28.17
CA LEU A 424 7.62 4.98 29.53
C LEU A 424 8.06 6.06 30.53
N GLU A 425 8.99 6.90 30.12
CA GLU A 425 9.46 7.98 30.99
C GLU A 425 8.28 8.91 31.28
N ARG A 426 7.55 9.29 30.22
CA ARG A 426 6.39 10.18 30.37
C ARG A 426 5.30 9.60 31.28
N LEU A 427 5.00 8.33 31.12
CA LEU A 427 3.96 7.68 31.90
C LEU A 427 4.34 7.46 33.35
N GLY A 428 5.61 7.67 33.68
CA GLY A 428 6.06 7.50 35.05
C GLY A 428 6.44 6.07 35.38
N THR A 429 6.07 5.61 36.56
CA THR A 429 6.38 4.26 36.97
C THR A 429 5.08 3.50 37.21
N ALA A 430 5.16 2.18 37.13
CA ALA A 430 4.00 1.33 37.35
C ALA A 430 4.46 0.09 38.09
N GLU A 431 3.51 -0.62 38.71
CA GLU A 431 3.85 -1.83 39.43
C GLU A 431 3.86 -2.98 38.43
N ARG A 432 3.14 -2.80 37.32
CA ARG A 432 3.06 -3.82 36.29
C ARG A 432 2.47 -3.23 35.00
N TYR A 433 2.91 -3.78 33.87
CA TYR A 433 2.45 -3.32 32.57
C TYR A 433 1.68 -4.41 31.85
N VAL A 434 0.65 -4.02 31.12
CA VAL A 434 -0.15 -4.94 30.33
C VAL A 434 -0.18 -4.33 28.93
N LEU A 435 0.30 -5.09 27.95
CA LEU A 435 0.35 -4.60 26.58
C LEU A 435 -0.80 -5.14 25.73
N THR A 436 -1.32 -4.29 24.84
CA THR A 436 -2.41 -4.71 23.97
C THR A 436 -2.33 -4.05 22.61
N CYS A 437 -3.20 -4.49 21.72
CA CYS A 437 -3.34 -3.97 20.36
C CYS A 437 -4.57 -4.68 19.86
N GLY A 438 -4.89 -4.52 18.57
CA GLY A 438 -6.08 -5.17 18.04
C GLY A 438 -6.27 -6.61 18.44
N SER A 439 -5.26 -7.45 18.20
CA SER A 439 -5.35 -8.87 18.51
C SER A 439 -4.28 -9.37 19.47
N SER A 440 -3.34 -8.48 19.83
CA SER A 440 -2.23 -8.76 20.74
C SER A 440 -0.97 -9.15 19.95
N LEU A 441 -1.09 -9.26 18.63
CA LEU A 441 0.04 -9.65 17.80
C LEU A 441 1.23 -8.70 17.87
N LEU A 442 1.01 -7.41 17.61
CA LEU A 442 2.10 -6.46 17.66
C LEU A 442 2.62 -6.25 19.06
N ALA A 443 1.72 -6.23 20.04
CA ALA A 443 2.09 -6.03 21.43
C ALA A 443 3.04 -7.14 21.94
N ARG A 444 2.83 -8.35 21.44
CA ARG A 444 3.67 -9.49 21.84
C ARG A 444 5.14 -9.27 21.50
N PHE A 445 5.40 -8.65 20.35
CA PHE A 445 6.78 -8.39 19.93
C PHE A 445 7.43 -7.28 20.75
N ALA A 446 6.61 -6.55 21.51
CA ALA A 446 7.11 -5.45 22.32
C ALA A 446 7.37 -5.79 23.79
N VAL A 447 6.92 -6.97 24.21
CA VAL A 447 7.09 -7.38 25.61
C VAL A 447 8.54 -7.29 26.10
N ALA A 448 9.46 -7.90 25.35
CA ALA A 448 10.87 -7.90 25.75
C ALA A 448 11.45 -6.50 25.95
N GLU A 449 11.11 -5.57 25.07
CA GLU A 449 11.62 -4.21 25.20
C GLU A 449 11.05 -3.50 26.41
N VAL A 450 9.75 -3.67 26.64
CA VAL A 450 9.14 -3.02 27.80
C VAL A 450 9.77 -3.55 29.09
N GLN A 451 10.01 -4.86 29.13
CA GLN A 451 10.64 -5.46 30.31
C GLN A 451 12.02 -4.89 30.51
N ALA A 452 12.79 -4.77 29.43
CA ALA A 452 14.15 -4.25 29.50
C ALA A 452 14.21 -2.80 29.95
N LEU A 453 13.35 -1.96 29.37
CA LEU A 453 13.32 -0.55 29.72
C LEU A 453 12.77 -0.24 31.12
N SER A 454 11.79 -1.02 31.56
CA SER A 454 11.17 -0.77 32.86
C SER A 454 11.67 -1.60 34.03
N GLY A 455 12.09 -2.83 33.76
CA GLY A 455 12.56 -3.70 34.83
C GLY A 455 11.38 -4.07 35.71
N LYS A 456 10.18 -3.97 35.15
CA LYS A 456 8.94 -4.28 35.86
C LYS A 456 8.22 -5.48 35.24
N PRO A 457 7.24 -6.05 35.95
CA PRO A 457 6.49 -7.20 35.44
C PRO A 457 5.70 -6.74 34.21
N VAL A 458 5.79 -7.50 33.12
CA VAL A 458 5.07 -7.15 31.89
C VAL A 458 4.22 -8.32 31.43
N PHE A 459 2.98 -8.03 31.07
CA PHE A 459 2.03 -9.04 30.61
C PHE A 459 1.40 -8.67 29.27
N LEU A 460 0.91 -9.68 28.57
CA LEU A 460 0.25 -9.50 27.28
C LEU A 460 -1.23 -9.82 27.44
N LEU A 461 -2.08 -8.91 27.01
CA LEU A 461 -3.53 -9.14 27.10
C LEU A 461 -3.89 -10.24 26.12
N ASP A 462 -4.41 -11.34 26.63
CA ASP A 462 -4.80 -12.49 25.83
C ASP A 462 -5.89 -12.11 24.84
N GLY A 463 -5.56 -12.06 23.55
CA GLY A 463 -6.55 -11.70 22.55
C GLY A 463 -6.65 -10.22 22.25
N GLY A 464 -5.86 -9.41 22.95
CA GLY A 464 -5.88 -7.97 22.72
C GLY A 464 -7.19 -7.27 23.01
N THR A 465 -7.30 -6.04 22.52
CA THR A 465 -8.49 -5.22 22.72
C THR A 465 -9.76 -5.87 22.16
N SER A 466 -9.61 -6.65 21.09
CA SER A 466 -10.76 -7.32 20.49
C SER A 466 -11.38 -8.29 21.49
N ALA A 467 -10.54 -8.97 22.26
CA ALA A 467 -11.00 -9.91 23.27
C ALA A 467 -11.72 -9.15 24.38
N TRP A 468 -11.15 -8.02 24.78
CA TRP A 468 -11.73 -7.17 25.82
C TRP A 468 -13.14 -6.77 25.39
N VAL A 469 -13.25 -6.26 24.16
CA VAL A 469 -14.54 -5.85 23.63
C VAL A 469 -15.50 -7.04 23.57
N ALA A 470 -14.99 -8.20 23.16
CA ALA A 470 -15.80 -9.40 23.07
C ALA A 470 -16.28 -9.89 24.43
N ALA A 471 -15.59 -9.48 25.49
CA ALA A 471 -15.94 -9.87 26.84
C ALA A 471 -17.05 -8.99 27.40
N GLY A 472 -17.47 -8.01 26.60
CA GLY A 472 -18.52 -7.11 27.03
C GLY A 472 -18.06 -6.03 27.98
N LEU A 473 -16.74 -5.85 28.07
CA LEU A 473 -16.17 -4.84 28.94
C LEU A 473 -16.28 -3.46 28.30
N PRO A 474 -16.38 -2.40 29.11
CA PRO A 474 -16.49 -1.03 28.62
C PRO A 474 -15.26 -0.48 27.92
N THR A 475 -15.48 0.41 26.95
CA THR A 475 -14.39 1.02 26.21
C THR A 475 -14.49 2.54 26.29
N GLU A 476 -13.43 3.20 25.85
CA GLU A 476 -13.33 4.65 25.87
C GLU A 476 -12.83 5.08 24.51
N ASP A 477 -13.22 6.27 24.04
CA ASP A 477 -12.77 6.74 22.74
C ASP A 477 -12.12 8.12 22.85
N GLY A 478 -11.57 8.59 21.74
CA GLY A 478 -10.90 9.88 21.74
C GLY A 478 -9.43 9.71 22.07
N GLU A 479 -8.69 10.82 22.05
CA GLU A 479 -7.27 10.81 22.36
C GLU A 479 -7.11 10.93 23.88
N SER A 480 -7.60 9.92 24.59
CA SER A 480 -7.57 9.93 26.06
C SER A 480 -6.18 10.17 26.67
N LEU A 481 -5.21 9.36 26.26
CA LEU A 481 -3.85 9.50 26.78
C LEU A 481 -2.82 9.10 25.74
N LEU A 482 -2.20 10.09 25.11
CA LEU A 482 -1.19 9.83 24.09
C LEU A 482 0.19 10.01 24.70
N ALA A 483 0.94 8.91 24.82
CA ALA A 483 2.26 8.94 25.40
C ALA A 483 3.34 9.12 24.32
N SER A 484 2.90 9.18 23.08
CA SER A 484 3.79 9.35 21.92
C SER A 484 3.10 10.29 20.93
N PRO A 485 3.87 10.92 20.04
CA PRO A 485 3.27 11.82 19.06
C PRO A 485 2.59 11.03 17.95
N ARG A 486 1.44 11.52 17.46
CA ARG A 486 0.72 10.81 16.40
C ARG A 486 1.36 11.04 15.03
N ILE A 487 2.44 10.31 14.76
CA ILE A 487 3.13 10.43 13.48
C ILE A 487 3.14 9.09 12.75
N ASP A 488 2.31 8.14 13.21
CA ASP A 488 2.28 6.83 12.60
C ASP A 488 1.56 6.77 11.25
N ARG A 489 0.85 7.83 10.89
CA ARG A 489 0.16 7.87 9.61
C ARG A 489 0.24 9.22 8.90
N TYR A 490 0.60 9.18 7.62
CA TYR A 490 0.69 10.38 6.82
C TYR A 490 -0.73 10.76 6.39
N ARG A 491 -1.10 12.02 6.64
CA ARG A 491 -2.43 12.50 6.27
C ARG A 491 -2.50 12.73 4.76
N ARG A 492 -2.92 11.70 4.03
CA ARG A 492 -3.02 11.80 2.59
C ARG A 492 -4.09 12.81 2.17
N PRO A 493 -3.70 13.85 1.43
CA PRO A 493 -4.64 14.89 0.96
C PRO A 493 -5.69 14.34 0.01
N TYR A 494 -5.45 13.15 -0.51
CA TYR A 494 -6.38 12.53 -1.46
C TYR A 494 -7.30 11.48 -0.83
N GLU A 495 -7.34 11.44 0.50
CA GLU A 495 -8.21 10.50 1.20
C GLU A 495 -9.07 11.32 2.16
N GLY A 496 -10.37 11.04 2.19
CA GLY A 496 -11.25 11.78 3.08
C GLY A 496 -11.68 13.12 2.53
N THR A 497 -12.61 13.77 3.22
CA THR A 497 -13.11 15.07 2.79
C THR A 497 -12.82 16.20 3.79
N ASP A 498 -11.94 15.96 4.75
CA ASP A 498 -11.64 16.96 5.75
C ASP A 498 -10.25 17.60 5.60
N ASN A 499 -9.68 17.53 4.41
CA ASN A 499 -8.38 18.13 4.14
C ASN A 499 -8.61 19.55 3.63
N PRO A 500 -7.85 20.54 4.16
CA PRO A 500 -8.05 21.91 3.69
C PRO A 500 -7.72 22.05 2.20
N ARG A 501 -8.43 22.94 1.53
CA ARG A 501 -8.24 23.19 0.11
C ARG A 501 -6.78 23.44 -0.23
N GLU A 502 -6.07 24.11 0.67
CA GLU A 502 -4.66 24.42 0.46
C GLU A 502 -3.82 23.13 0.37
N ALA A 503 -4.13 22.17 1.22
CA ALA A 503 -3.41 20.90 1.22
C ALA A 503 -3.73 20.10 -0.05
N MSE A 504 -4.98 20.15 -0.48
CA MSE A 504 -5.38 19.43 -1.67
C MSE A 504 -4.77 20.02 -2.94
O MSE A 504 -4.30 19.28 -3.80
CB MSE A 504 -6.92 19.39 -1.78
CG MSE A 504 -7.57 18.61 -0.65
SE MSE A 504 -9.48 18.35 -0.92
CE MSE A 504 -9.61 16.49 -0.40
N GLN A 505 -4.76 21.35 -3.05
CA GLN A 505 -4.16 21.98 -4.21
C GLN A 505 -2.65 21.72 -4.17
N GLY A 506 -2.10 21.73 -2.96
CA GLY A 506 -0.67 21.49 -2.80
C GLY A 506 -0.29 20.10 -3.29
N TYR A 507 -1.20 19.16 -3.14
CA TYR A 507 -0.96 17.78 -3.57
C TYR A 507 -0.87 17.77 -5.10
N LEU A 508 -1.77 18.48 -5.76
CA LEU A 508 -1.75 18.55 -7.22
C LEU A 508 -0.47 19.22 -7.71
N ASP A 509 -0.07 20.29 -7.04
CA ASP A 509 1.14 21.01 -7.41
C ASP A 509 2.35 20.09 -7.27
N TRP A 510 2.34 19.26 -6.24
CA TRP A 510 3.43 18.32 -6.02
C TRP A 510 3.52 17.34 -7.19
N GLU A 511 2.38 16.78 -7.59
CA GLU A 511 2.39 15.83 -8.70
C GLU A 511 2.84 16.50 -10.00
N PHE A 512 2.53 17.78 -10.15
CA PHE A 512 2.91 18.56 -11.33
C PHE A 512 4.43 18.59 -11.53
N GLY A 513 5.18 18.44 -10.43
CA GLY A 513 6.62 18.49 -10.54
C GLY A 513 7.35 17.15 -10.52
N LEU A 514 6.60 16.05 -10.50
CA LEU A 514 7.20 14.72 -10.45
C LEU A 514 8.04 14.27 -11.66
N VAL A 515 7.58 14.56 -12.87
CA VAL A 515 8.35 14.15 -14.04
C VAL A 515 9.73 14.80 -14.04
N GLU A 516 9.78 16.06 -13.63
CA GLU A 516 11.06 16.77 -13.57
C GLU A 516 11.95 16.08 -12.55
N GLN A 517 11.39 15.68 -11.41
CA GLN A 517 12.17 15.01 -10.38
C GLN A 517 12.70 13.66 -10.86
N LEU A 518 11.88 12.93 -11.62
CA LEU A 518 12.30 11.64 -12.16
C LEU A 518 13.54 11.83 -13.03
N GLY A 519 13.56 12.93 -13.78
CA GLY A 519 14.70 13.21 -14.63
C GLY A 519 15.96 13.42 -13.80
N ARG A 520 15.81 14.10 -12.67
CA ARG A 520 16.96 14.36 -11.80
C ARG A 520 17.44 13.08 -11.13
N ASP A 521 16.51 12.19 -10.77
CA ASP A 521 16.88 10.94 -10.13
C ASP A 521 17.61 10.02 -11.12
N GLY A 522 16.99 9.80 -12.27
CA GLY A 522 17.58 8.98 -13.32
C GLY A 522 17.84 7.50 -13.11
N THR A 523 17.17 6.89 -12.14
CA THR A 523 17.39 5.46 -11.87
C THR A 523 16.12 4.61 -12.01
N HIS A 524 15.00 5.24 -12.39
CA HIS A 524 13.73 4.52 -12.51
C HIS A 524 13.62 3.52 -13.66
N GLY A 525 14.12 3.87 -14.83
CA GLY A 525 14.02 2.96 -15.97
C GLY A 525 12.61 2.80 -16.51
N PHE A 526 11.73 3.76 -16.21
CA PHE A 526 10.35 3.70 -16.71
C PHE A 526 10.30 3.96 -18.20
N PHE A 527 9.29 3.41 -18.85
CA PHE A 527 9.05 3.64 -20.27
C PHE A 527 7.53 3.55 -20.47
N VAL A 528 7.01 4.21 -21.49
CA VAL A 528 5.58 4.19 -21.76
C VAL A 528 5.35 3.71 -23.19
N ILE A 529 4.63 2.60 -23.33
CA ILE A 529 4.35 2.03 -24.64
C ILE A 529 3.39 2.87 -25.48
N GLU A 530 3.47 2.65 -26.80
CA GLU A 530 2.64 3.33 -27.79
C GLU A 530 2.94 4.81 -27.91
S SO3 B . -5.78 9.21 -7.48
O1 SO3 B . -6.73 8.98 -6.36
O2 SO3 B . -4.83 10.29 -7.15
O3 SO3 B . -5.07 7.96 -7.87
C1 GOL C . 3.58 -0.77 5.84
O1 GOL C . 5.12 -0.44 6.17
C2 GOL C . 2.85 -0.35 4.74
O2 GOL C . 3.27 0.85 4.29
C3 GOL C . 2.03 -1.19 4.49
O3 GOL C . 1.21 -2.51 4.63
#